data_6MU9
#
_entry.id   6MU9
#
_cell.length_a   35.307
_cell.length_b   42.094
_cell.length_c   48.542
_cell.angle_alpha   97.730
_cell.angle_beta   105.520
_cell.angle_gamma   113.340
#
_symmetry.space_group_name_H-M   'P 1'
#
loop_
_entity.id
_entity.type
_entity.pdbx_description
1 polymer Beta-lactamase
2 non-polymer 'SULFATE ION'
3 water water
#
_entity_poly.entity_id   1
_entity_poly.type   'polypeptide(L)'
_entity_poly.pdbx_seq_one_letter_code
;SNAETVKCQRQETKSDREFAKLEDKYDANLGVFALDTGTNKTVTYHPDERFAYASTHKALAVGALLQQKSIEDLNERIFY
TRDDLVNYNPITEKHVDTGMTLRELADASLRYSDNTAGNLILQQLDGPDGFKEALEKIGDNVTLPERFEPDLNEVNPGET
HDTSTPRALAASLQKYVLGQALPEDKRALLTDWMKRNTTGDALIRAGVPKSWEVADKTGAGSYATRNDIAILWPPNGDPI
VLAILSNRTEKDAEYNDKLIAEAAKQAVKTLKITRK
;
_entity_poly.pdbx_strand_id   A
#
loop_
_chem_comp.id
_chem_comp.type
_chem_comp.name
_chem_comp.formula
SO4 non-polymer 'SULFATE ION' 'O4 S -2'
#
# COMPACT_ATOMS: atom_id res chain seq x y z
N THR A 13 20.37 -16.89 -3.98
CA THR A 13 21.48 -15.95 -3.69
C THR A 13 21.69 -15.71 -2.19
N LYS A 14 22.75 -15.01 -1.83
CA LYS A 14 22.98 -14.65 -0.43
C LYS A 14 21.85 -13.77 0.13
N SER A 15 21.35 -12.84 -0.67
CA SER A 15 20.21 -12.04 -0.20
C SER A 15 18.97 -12.92 0.00
N ASP A 16 18.77 -13.87 -0.90
CA ASP A 16 17.66 -14.78 -0.73
C ASP A 16 17.77 -15.52 0.61
N ARG A 17 18.97 -16.00 0.92
CA ARG A 17 19.17 -16.71 2.18
CA ARG A 17 19.19 -16.71 2.19
C ARG A 17 18.80 -15.85 3.40
N GLU A 18 19.11 -14.55 3.32
CA GLU A 18 18.76 -13.68 4.44
C GLU A 18 17.25 -13.51 4.59
N PHE A 19 16.54 -13.32 3.48
CA PHE A 19 15.08 -13.24 3.57
C PHE A 19 14.48 -14.57 4.03
N ALA A 20 15.03 -15.69 3.57
CA ALA A 20 14.52 -16.98 4.01
C ALA A 20 14.71 -17.17 5.52
N LYS A 21 15.80 -16.65 6.08
CA LYS A 21 15.99 -16.72 7.52
CA LYS A 21 16.01 -16.71 7.53
C LYS A 21 14.90 -15.93 8.26
N LEU A 22 14.47 -14.81 7.71
CA LEU A 22 13.39 -14.04 8.33
C LEU A 22 12.07 -14.80 8.24
N GLU A 23 11.81 -15.45 7.10
CA GLU A 23 10.64 -16.30 6.96
C GLU A 23 10.62 -17.37 8.04
N ASP A 24 11.76 -18.01 8.27
CA ASP A 24 11.85 -19.06 9.28
CA ASP A 24 11.85 -19.06 9.27
C ASP A 24 11.64 -18.46 10.67
N LYS A 25 12.28 -17.34 10.95
CA LYS A 25 12.21 -16.71 12.27
C LYS A 25 10.77 -16.38 12.67
N TYR A 26 10.00 -15.87 11.70
CA TYR A 26 8.64 -15.39 11.96
C TYR A 26 7.57 -16.37 11.46
N ASP A 27 7.98 -17.56 11.04
CA ASP A 27 7.02 -18.56 10.52
C ASP A 27 6.07 -17.92 9.51
N ALA A 28 6.65 -17.29 8.48
CA ALA A 28 5.87 -16.50 7.55
C ALA A 28 6.49 -16.58 6.15
N ASN A 29 5.77 -16.01 5.20
CA ASN A 29 6.11 -16.00 3.78
C ASN A 29 6.22 -14.53 3.36
N LEU A 30 7.34 -14.20 2.72
CA LEU A 30 7.67 -12.82 2.37
CA LEU A 30 7.68 -12.83 2.38
C LEU A 30 7.70 -12.58 0.88
N GLY A 31 7.31 -11.37 0.48
CA GLY A 31 7.51 -10.87 -0.87
C GLY A 31 8.13 -9.50 -0.79
N VAL A 32 9.24 -9.28 -1.49
CA VAL A 32 9.99 -8.02 -1.40
C VAL A 32 10.34 -7.55 -2.80
N PHE A 33 10.16 -6.25 -3.01
CA PHE A 33 10.73 -5.58 -4.19
C PHE A 33 11.22 -4.21 -3.75
N ALA A 34 12.51 -3.94 -4.01
CA ALA A 34 13.08 -2.62 -3.73
C ALA A 34 13.77 -2.15 -5.00
N LEU A 35 13.68 -0.86 -5.26
CA LEU A 35 14.29 -0.23 -6.45
CA LEU A 35 14.34 -0.28 -6.43
C LEU A 35 14.96 1.06 -6.04
N ASP A 36 16.22 1.21 -6.43
CA ASP A 36 16.92 2.46 -6.36
CA ASP A 36 16.90 2.46 -6.36
C ASP A 36 16.55 3.25 -7.61
N THR A 37 15.86 4.37 -7.45
CA THR A 37 15.38 5.07 -8.63
C THR A 37 16.46 5.84 -9.36
N GLY A 38 17.61 6.00 -8.74
CA GLY A 38 18.75 6.61 -9.42
C GLY A 38 19.44 5.68 -10.42
N THR A 39 19.49 4.39 -10.10
CA THR A 39 20.25 3.43 -10.88
C THR A 39 19.43 2.33 -11.54
N ASN A 40 18.19 2.17 -11.10
CA ASN A 40 17.32 1.07 -11.48
C ASN A 40 17.75 -0.30 -10.99
N LYS A 41 18.73 -0.33 -10.09
CA LYS A 41 19.09 -1.58 -9.44
C LYS A 41 18.02 -1.97 -8.41
N THR A 42 17.88 -3.27 -8.21
CA THR A 42 16.81 -3.79 -7.38
C THR A 42 17.30 -4.78 -6.33
N VAL A 43 16.41 -5.09 -5.41
CA VAL A 43 16.48 -6.28 -4.55
C VAL A 43 15.12 -6.96 -4.69
N THR A 44 15.11 -8.28 -4.91
CA THR A 44 13.84 -8.99 -5.05
C THR A 44 13.83 -10.24 -4.21
N TYR A 45 12.63 -10.63 -3.80
CA TYR A 45 12.43 -11.92 -3.11
C TYR A 45 10.97 -12.28 -3.33
N HIS A 46 10.71 -13.34 -4.07
CA HIS A 46 9.33 -13.64 -4.49
C HIS A 46 8.63 -12.41 -5.10
N PRO A 47 9.30 -11.69 -6.00
CA PRO A 47 8.76 -10.39 -6.44
C PRO A 47 7.51 -10.47 -7.30
N ASP A 48 7.27 -11.63 -7.92
CA ASP A 48 6.14 -11.82 -8.82
C ASP A 48 5.10 -12.77 -8.25
N GLU A 49 5.21 -13.06 -6.95
CA GLU A 49 4.21 -13.85 -6.26
C GLU A 49 3.06 -12.95 -5.83
N ARG A 50 1.83 -13.44 -6.02
CA ARG A 50 0.65 -12.69 -5.60
C ARG A 50 0.40 -12.81 -4.09
N PHE A 51 0.01 -11.69 -3.51
CA PHE A 51 -0.44 -11.57 -2.14
C PHE A 51 -1.73 -10.75 -2.14
N ALA A 52 -2.59 -10.95 -1.15
CA ALA A 52 -3.68 -10.01 -0.93
C ALA A 52 -3.07 -8.64 -0.66
N TYR A 53 -3.52 -7.60 -1.40
CA TYR A 53 -2.93 -6.30 -1.18
C TYR A 53 -3.47 -5.61 0.07
N ALA A 54 -4.65 -6.00 0.53
CA ALA A 54 -5.26 -5.38 1.69
C ALA A 54 -5.27 -3.86 1.52
N SER A 55 -5.03 -3.09 2.59
CA SER A 55 -5.18 -1.65 2.47
C SER A 55 -4.06 -0.96 1.72
N THR A 56 -3.02 -1.67 1.25
CA THR A 56 -2.04 -0.97 0.44
C THR A 56 -2.66 -0.36 -0.80
N HIS A 57 -3.75 -0.97 -1.30
CA HIS A 57 -4.38 -0.43 -2.49
C HIS A 57 -4.90 0.98 -2.27
N LYS A 58 -5.15 1.37 -1.02
CA LYS A 58 -5.76 2.66 -0.78
C LYS A 58 -4.90 3.79 -1.35
N ALA A 59 -3.57 3.64 -1.30
CA ALA A 59 -2.68 4.66 -1.86
C ALA A 59 -2.86 4.80 -3.36
N LEU A 60 -2.96 3.66 -4.05
CA LEU A 60 -3.18 3.68 -5.49
C LEU A 60 -4.56 4.23 -5.85
N ALA A 61 -5.56 3.92 -5.03
CA ALA A 61 -6.91 4.43 -5.28
C ALA A 61 -6.96 5.95 -5.10
N VAL A 62 -6.24 6.51 -4.12
CA VAL A 62 -6.16 7.97 -4.04
C VAL A 62 -5.40 8.54 -5.22
N GLY A 63 -4.34 7.87 -5.67
CA GLY A 63 -3.68 8.32 -6.91
C GLY A 63 -4.68 8.40 -8.07
N ALA A 64 -5.49 7.35 -8.24
CA ALA A 64 -6.49 7.34 -9.30
C ALA A 64 -7.55 8.42 -9.11
N LEU A 65 -7.96 8.65 -7.85
CA LEU A 65 -8.93 9.71 -7.57
C LEU A 65 -8.35 11.07 -7.99
N LEU A 66 -7.09 11.29 -7.64
CA LEU A 66 -6.43 12.54 -8.00
C LEU A 66 -6.31 12.69 -9.52
N GLN A 67 -6.17 11.59 -10.27
CA GLN A 67 -6.18 11.70 -11.72
C GLN A 67 -7.54 12.17 -12.24
N GLN A 68 -8.60 11.83 -11.51
CA GLN A 68 -9.94 12.11 -11.99
CA GLN A 68 -9.99 12.11 -11.91
C GLN A 68 -10.51 13.47 -11.49
N LYS A 69 -9.94 14.07 -10.44
CA LYS A 69 -10.47 15.27 -9.81
C LYS A 69 -9.45 16.37 -9.77
N SER A 70 -9.85 17.62 -10.02
CA SER A 70 -8.98 18.75 -9.70
C SER A 70 -8.80 18.86 -8.18
N ILE A 71 -7.78 19.60 -7.75
CA ILE A 71 -7.62 19.82 -6.30
C ILE A 71 -8.82 20.56 -5.72
N GLU A 72 -9.33 21.56 -6.42
CA GLU A 72 -10.49 22.26 -5.90
CA GLU A 72 -10.55 22.26 -6.00
C GLU A 72 -11.73 21.33 -5.83
N ASP A 73 -11.84 20.36 -6.74
CA ASP A 73 -12.94 19.36 -6.74
C ASP A 73 -12.89 18.50 -5.49
N LEU A 74 -11.73 18.42 -4.81
CA LEU A 74 -11.64 17.66 -3.59
C LEU A 74 -12.47 18.28 -2.45
N ASN A 75 -12.91 19.52 -2.61
CA ASN A 75 -13.81 20.14 -1.63
C ASN A 75 -15.23 19.60 -1.67
N GLU A 76 -15.58 18.78 -2.65
CA GLU A 76 -16.94 18.25 -2.71
C GLU A 76 -17.25 17.49 -1.44
N ARG A 77 -18.36 17.81 -0.80
CA ARG A 77 -18.80 17.11 0.40
C ARG A 77 -19.60 15.88 -0.01
N ILE A 78 -19.16 14.73 0.47
CA ILE A 78 -19.80 13.44 0.21
C ILE A 78 -20.67 13.09 1.41
N PHE A 79 -21.93 12.78 1.11
CA PHE A 79 -22.89 12.38 2.12
C PHE A 79 -23.03 10.85 2.07
N TYR A 80 -23.06 10.24 3.24
CA TYR A 80 -23.14 8.80 3.37
C TYR A 80 -23.94 8.51 4.63
N THR A 81 -24.29 7.26 4.82
CA THR A 81 -25.16 6.90 5.92
C THR A 81 -24.52 5.82 6.76
N ARG A 82 -25.18 5.51 7.87
CA ARG A 82 -24.77 4.40 8.70
C ARG A 82 -24.75 3.08 7.95
N ASP A 83 -25.57 2.94 6.91
CA ASP A 83 -25.55 1.72 6.12
C ASP A 83 -24.27 1.57 5.30
N ASP A 84 -23.53 2.67 5.09
CA ASP A 84 -22.23 2.62 4.41
C ASP A 84 -21.08 2.24 5.32
N LEU A 85 -21.28 2.34 6.64
CA LEU A 85 -20.23 2.00 7.56
C LEU A 85 -19.92 0.50 7.49
N VAL A 86 -18.63 0.18 7.46
CA VAL A 86 -18.16 -1.19 7.45
C VAL A 86 -17.48 -1.49 8.79
N ASN A 87 -16.34 -2.16 8.77
CA ASN A 87 -15.80 -2.77 9.97
C ASN A 87 -14.73 -1.95 10.67
N TYR A 88 -14.26 -0.86 10.08
CA TYR A 88 -13.19 -0.07 10.71
C TYR A 88 -13.32 1.34 10.19
N ASN A 89 -13.94 2.19 11.01
CA ASN A 89 -14.45 3.50 10.58
C ASN A 89 -14.00 4.61 11.53
N PRO A 90 -12.70 4.67 11.87
CA PRO A 90 -12.28 5.57 12.94
C PRO A 90 -12.61 7.04 12.70
N ILE A 91 -12.51 7.48 11.45
CA ILE A 91 -12.82 8.86 11.09
C ILE A 91 -14.27 8.97 10.60
N THR A 92 -14.67 8.06 9.73
CA THR A 92 -15.97 8.17 9.12
C THR A 92 -17.13 7.99 10.11
N GLU A 93 -16.96 7.23 11.19
CA GLU A 93 -18.10 7.12 12.12
C GLU A 93 -18.48 8.48 12.69
N LYS A 94 -17.45 9.31 12.92
CA LYS A 94 -17.66 10.61 13.53
CA LYS A 94 -17.65 10.63 13.52
C LYS A 94 -18.34 11.63 12.59
N HIS A 95 -18.39 11.32 11.30
CA HIS A 95 -18.91 12.25 10.26
C HIS A 95 -20.10 11.74 9.48
N VAL A 96 -20.76 10.70 9.92
CA VAL A 96 -21.89 10.21 9.16
CA VAL A 96 -21.94 10.19 9.19
C VAL A 96 -23.01 11.25 9.12
N ASP A 97 -23.12 12.08 10.18
CA ASP A 97 -24.17 13.09 10.24
C ASP A 97 -23.72 14.44 9.68
N THR A 98 -22.50 14.54 9.15
CA THR A 98 -21.97 15.77 8.60
C THR A 98 -21.51 15.66 7.16
N GLY A 99 -21.27 14.45 6.68
CA GLY A 99 -20.55 14.26 5.43
C GLY A 99 -19.06 14.48 5.62
N MET A 100 -18.28 14.17 4.59
CA MET A 100 -16.85 14.46 4.56
C MET A 100 -16.49 14.88 3.16
N THR A 101 -15.56 15.83 3.04
CA THR A 101 -15.11 16.18 1.70
C THR A 101 -14.23 15.06 1.14
N LEU A 102 -14.06 15.07 -0.19
CA LEU A 102 -13.15 14.10 -0.79
C LEU A 102 -11.74 14.22 -0.22
N ARG A 103 -11.28 15.46 0.04
CA ARG A 103 -9.97 15.64 0.66
CA ARG A 103 -9.97 15.65 0.66
C ARG A 103 -9.91 14.95 2.01
N GLU A 104 -10.95 15.16 2.83
CA GLU A 104 -11.02 14.53 4.13
C GLU A 104 -11.06 13.02 4.03
N LEU A 105 -11.78 12.49 3.04
CA LEU A 105 -11.85 11.04 2.85
C LEU A 105 -10.46 10.47 2.45
N ALA A 106 -9.76 11.16 1.55
CA ALA A 106 -8.41 10.72 1.19
C ALA A 106 -7.49 10.71 2.43
N ASP A 107 -7.58 11.76 3.24
CA ASP A 107 -6.77 11.84 4.47
C ASP A 107 -7.09 10.62 5.36
N ALA A 108 -8.37 10.36 5.57
CA ALA A 108 -8.77 9.26 6.45
C ALA A 108 -8.35 7.91 5.90
N SER A 109 -8.54 7.71 4.60
CA SER A 109 -8.15 6.46 3.97
C SER A 109 -6.64 6.23 4.12
N LEU A 110 -5.85 7.23 3.75
CA LEU A 110 -4.41 7.04 3.73
C LEU A 110 -3.76 7.06 5.10
N ARG A 111 -4.20 7.97 5.95
CA ARG A 111 -3.50 8.18 7.23
C ARG A 111 -4.03 7.31 8.36
N TYR A 112 -5.27 6.83 8.22
CA TYR A 112 -5.89 5.99 9.25
C TYR A 112 -6.31 4.62 8.71
N SER A 113 -6.30 4.41 7.40
CA SER A 113 -6.78 3.14 6.85
C SER A 113 -8.27 2.94 7.13
N ASP A 114 -9.02 4.03 7.11
CA ASP A 114 -10.46 3.95 7.35
C ASP A 114 -11.15 3.23 6.18
N ASN A 115 -11.85 2.14 6.48
CA ASN A 115 -12.40 1.30 5.42
C ASN A 115 -13.64 1.88 4.78
N THR A 116 -14.44 2.65 5.52
CA THR A 116 -15.56 3.31 4.86
C THR A 116 -15.04 4.39 3.92
N ALA A 117 -14.03 5.16 4.36
CA ALA A 117 -13.42 6.12 3.46
C ALA A 117 -12.88 5.44 2.21
N GLY A 118 -12.20 4.30 2.40
CA GLY A 118 -11.68 3.56 1.26
C GLY A 118 -12.77 3.14 0.30
N ASN A 119 -13.90 2.69 0.83
CA ASN A 119 -15.02 2.33 -0.05
C ASN A 119 -15.63 3.54 -0.77
N LEU A 120 -15.77 4.66 -0.08
CA LEU A 120 -16.33 5.85 -0.72
C LEU A 120 -15.41 6.32 -1.86
N ILE A 121 -14.10 6.20 -1.66
CA ILE A 121 -13.16 6.54 -2.74
C ILE A 121 -13.30 5.52 -3.89
N LEU A 122 -13.38 4.22 -3.59
CA LEU A 122 -13.63 3.25 -4.64
C LEU A 122 -14.91 3.60 -5.40
N GLN A 123 -15.97 4.03 -4.72
CA GLN A 123 -17.20 4.39 -5.41
CA GLN A 123 -17.20 4.39 -5.42
C GLN A 123 -16.96 5.56 -6.38
N GLN A 124 -16.15 6.55 -5.98
CA GLN A 124 -15.81 7.64 -6.91
C GLN A 124 -15.16 7.14 -8.18
N LEU A 125 -14.40 6.06 -8.07
CA LEU A 125 -13.69 5.43 -9.19
C LEU A 125 -14.56 4.45 -9.96
N ASP A 126 -15.86 4.39 -9.67
CA ASP A 126 -16.75 3.41 -10.30
C ASP A 126 -16.42 2.00 -9.84
N GLY A 127 -16.13 1.89 -8.56
CA GLY A 127 -15.94 0.62 -7.90
C GLY A 127 -14.61 -0.03 -8.22
N PRO A 128 -14.40 -1.24 -7.72
CA PRO A 128 -13.20 -2.00 -8.05
C PRO A 128 -12.95 -2.09 -9.54
N ASP A 129 -14.00 -2.22 -10.34
CA ASP A 129 -13.80 -2.35 -11.79
C ASP A 129 -13.24 -1.07 -12.39
N GLY A 130 -13.75 0.08 -11.97
CA GLY A 130 -13.24 1.34 -12.46
C GLY A 130 -11.83 1.63 -11.93
N PHE A 131 -11.56 1.23 -10.70
CA PHE A 131 -10.22 1.34 -10.15
C PHE A 131 -9.23 0.49 -10.97
N LYS A 132 -9.63 -0.73 -11.32
CA LYS A 132 -8.78 -1.56 -12.16
C LYS A 132 -8.47 -0.89 -13.48
N GLU A 133 -9.50 -0.29 -14.12
CA GLU A 133 -9.27 0.41 -15.37
C GLU A 133 -8.24 1.54 -15.18
N ALA A 134 -8.35 2.29 -14.09
CA ALA A 134 -7.40 3.37 -13.84
C ALA A 134 -5.98 2.82 -13.72
N LEU A 135 -5.82 1.67 -13.05
CA LEU A 135 -4.50 1.05 -12.92
C LEU A 135 -3.98 0.57 -14.29
N GLU A 136 -4.86 -0.03 -15.10
CA GLU A 136 -4.45 -0.46 -16.43
C GLU A 136 -3.98 0.75 -17.24
N LYS A 137 -4.61 1.90 -17.07
CA LYS A 137 -4.21 3.10 -17.81
CA LYS A 137 -4.22 3.10 -17.80
C LYS A 137 -2.83 3.62 -17.42
N ILE A 138 -2.31 3.27 -16.24
CA ILE A 138 -0.93 3.62 -15.91
C ILE A 138 0.02 2.46 -16.20
N GLY A 139 -0.46 1.39 -16.83
CA GLY A 139 0.38 0.28 -17.22
C GLY A 139 0.51 -0.83 -16.19
N ASP A 140 -0.39 -0.86 -15.21
CA ASP A 140 -0.41 -1.97 -14.22
C ASP A 140 -1.42 -3.00 -14.70
N ASN A 141 -0.87 -4.10 -15.23
CA ASN A 141 -1.67 -5.23 -15.72
C ASN A 141 -1.67 -6.39 -14.74
N VAL A 142 -1.21 -6.14 -13.51
CA VAL A 142 -1.03 -7.17 -12.48
C VAL A 142 -2.04 -7.04 -11.34
N THR A 143 -2.19 -5.83 -10.81
CA THR A 143 -3.07 -5.60 -9.68
C THR A 143 -4.53 -5.85 -10.12
N LEU A 144 -5.27 -6.65 -9.34
CA LEU A 144 -6.60 -7.12 -9.78
C LEU A 144 -7.70 -6.78 -8.76
N PRO A 145 -8.12 -5.51 -8.69
CA PRO A 145 -9.24 -5.17 -7.80
C PRO A 145 -10.52 -5.87 -8.21
N GLU A 146 -11.27 -6.33 -7.22
CA GLU A 146 -12.58 -6.95 -7.48
C GLU A 146 -13.64 -6.57 -6.45
N ARG A 147 -13.26 -6.45 -5.18
CA ARG A 147 -14.22 -6.31 -4.09
CA ARG A 147 -14.22 -6.30 -4.10
C ARG A 147 -14.00 -5.02 -3.30
N PHE A 148 -15.04 -4.64 -2.58
CA PHE A 148 -15.01 -3.56 -1.63
C PHE A 148 -14.48 -4.06 -0.28
N GLU A 149 -14.27 -3.10 0.62
CA GLU A 149 -14.00 -3.43 2.01
C GLU A 149 -15.28 -3.96 2.68
N PRO A 150 -15.17 -4.91 3.61
CA PRO A 150 -13.92 -5.54 4.09
C PRO A 150 -13.56 -6.82 3.33
N ASP A 151 -14.43 -7.27 2.41
CA ASP A 151 -14.21 -8.57 1.79
C ASP A 151 -12.90 -8.67 1.03
N LEU A 152 -12.41 -7.56 0.50
CA LEU A 152 -11.18 -7.61 -0.28
C LEU A 152 -9.99 -8.13 0.52
N ASN A 153 -10.04 -8.06 1.85
CA ASN A 153 -8.92 -8.46 2.68
C ASN A 153 -8.76 -9.94 2.87
N GLU A 154 -9.76 -10.74 2.41
CA GLU A 154 -9.72 -12.17 2.58
CA GLU A 154 -9.73 -12.18 2.57
C GLU A 154 -9.55 -12.84 1.21
N VAL A 155 -8.36 -13.37 0.97
CA VAL A 155 -8.02 -14.02 -0.29
C VAL A 155 -7.43 -15.38 0.05
N ASN A 156 -8.12 -16.45 -0.35
CA ASN A 156 -7.58 -17.77 -0.07
C ASN A 156 -6.42 -18.06 -1.03
N PRO A 157 -5.45 -18.88 -0.59
CA PRO A 157 -4.28 -19.14 -1.41
C PRO A 157 -4.65 -19.59 -2.82
N GLY A 158 -4.00 -18.97 -3.80
CA GLY A 158 -4.21 -19.30 -5.20
C GLY A 158 -5.26 -18.46 -5.87
N GLU A 159 -6.16 -17.84 -5.10
CA GLU A 159 -7.10 -16.91 -5.71
CA GLU A 159 -7.10 -16.91 -5.71
C GLU A 159 -6.36 -15.63 -6.11
N THR A 160 -6.89 -14.92 -7.10
CA THR A 160 -6.27 -13.73 -7.57
C THR A 160 -7.07 -12.47 -7.34
N HIS A 161 -8.33 -12.54 -6.98
CA HIS A 161 -9.09 -11.33 -6.68
CA HIS A 161 -9.03 -11.30 -6.74
C HIS A 161 -8.36 -10.51 -5.61
N ASP A 162 -8.31 -9.21 -5.81
CA ASP A 162 -7.77 -8.29 -4.79
C ASP A 162 -6.33 -8.62 -4.40
N THR A 163 -5.56 -9.08 -5.40
CA THR A 163 -4.15 -9.36 -5.21
C THR A 163 -3.29 -8.49 -6.13
N SER A 164 -2.02 -8.39 -5.73
CA SER A 164 -0.99 -7.89 -6.60
C SER A 164 0.33 -8.54 -6.18
N THR A 165 1.42 -8.06 -6.76
CA THR A 165 2.74 -8.59 -6.46
C THR A 165 3.60 -7.48 -5.87
N PRO A 166 4.69 -7.84 -5.18
CA PRO A 166 5.61 -6.79 -4.71
C PRO A 166 6.06 -5.88 -5.86
N ARG A 167 6.42 -6.48 -6.99
CA ARG A 167 6.94 -5.71 -8.11
C ARG A 167 5.89 -4.71 -8.63
N ALA A 168 4.66 -5.18 -8.80
CA ALA A 168 3.62 -4.33 -9.40
C ALA A 168 3.15 -3.24 -8.46
N LEU A 169 2.99 -3.55 -7.17
CA LEU A 169 2.61 -2.50 -6.23
C LEU A 169 3.70 -1.43 -6.16
N ALA A 170 4.95 -1.85 -6.16
CA ALA A 170 6.06 -0.89 -6.20
C ALA A 170 6.00 -0.05 -7.48
N ALA A 171 5.78 -0.69 -8.62
CA ALA A 171 5.76 0.04 -9.89
C ALA A 171 4.64 1.08 -9.90
N SER A 172 3.46 0.70 -9.42
CA SER A 172 2.34 1.63 -9.45
C SER A 172 2.53 2.75 -8.43
N LEU A 173 3.04 2.44 -7.25
CA LEU A 173 3.31 3.50 -6.28
C LEU A 173 4.35 4.48 -6.82
N GLN A 174 5.39 3.95 -7.46
CA GLN A 174 6.41 4.80 -8.07
C GLN A 174 5.77 5.74 -9.09
N LYS A 175 4.92 5.20 -9.96
CA LYS A 175 4.32 6.04 -11.01
C LYS A 175 3.55 7.21 -10.41
N TYR A 176 2.79 6.96 -9.33
CA TYR A 176 1.99 8.01 -8.71
C TYR A 176 2.84 9.00 -7.90
N VAL A 177 3.78 8.52 -7.08
CA VAL A 177 4.49 9.41 -6.15
C VAL A 177 5.70 10.08 -6.80
N LEU A 178 6.38 9.39 -7.71
CA LEU A 178 7.63 9.86 -8.29
C LEU A 178 7.54 10.09 -9.79
N GLY A 179 6.66 9.38 -10.48
CA GLY A 179 6.58 9.43 -11.93
C GLY A 179 5.58 10.47 -12.42
N GLN A 180 5.09 10.22 -13.64
CA GLN A 180 4.32 11.21 -14.36
CA GLN A 180 4.32 11.22 -14.37
C GLN A 180 2.82 10.94 -14.37
N ALA A 181 2.34 10.06 -13.49
CA ALA A 181 0.92 9.78 -13.45
C ALA A 181 0.08 10.97 -12.98
N LEU A 182 0.68 11.87 -12.20
CA LEU A 182 -0.01 13.05 -11.68
C LEU A 182 0.80 14.30 -11.94
N PRO A 183 0.12 15.45 -12.03
CA PRO A 183 0.80 16.74 -11.97
CA PRO A 183 0.84 16.72 -11.98
C PRO A 183 1.49 16.93 -10.62
N GLU A 184 2.44 17.84 -10.57
CA GLU A 184 3.25 18.04 -9.37
C GLU A 184 2.41 18.39 -8.13
N ASP A 185 1.39 19.24 -8.29
CA ASP A 185 0.62 19.65 -7.12
C ASP A 185 -0.14 18.47 -6.49
N LYS A 186 -0.75 17.64 -7.32
CA LYS A 186 -1.44 16.47 -6.81
C LYS A 186 -0.48 15.44 -6.26
N ARG A 187 0.65 15.28 -6.93
CA ARG A 187 1.68 14.38 -6.48
C ARG A 187 2.11 14.79 -5.05
N ALA A 188 2.23 16.09 -4.81
CA ALA A 188 2.62 16.58 -3.49
C ALA A 188 1.56 16.29 -2.43
N LEU A 189 0.27 16.36 -2.79
CA LEU A 189 -0.80 16.00 -1.85
C LEU A 189 -0.69 14.55 -1.43
N LEU A 190 -0.53 13.66 -2.41
CA LEU A 190 -0.42 12.25 -2.13
C LEU A 190 0.79 11.98 -1.24
N THR A 191 1.92 12.59 -1.60
CA THR A 191 3.15 12.41 -0.86
C THR A 191 2.99 12.86 0.59
N ASP A 192 2.38 14.02 0.79
CA ASP A 192 2.17 14.55 2.13
C ASP A 192 1.30 13.60 2.98
N TRP A 193 0.17 13.15 2.44
CA TRP A 193 -0.67 12.24 3.20
C TRP A 193 0.11 11.01 3.61
N MET A 194 0.83 10.40 2.67
CA MET A 194 1.55 9.17 2.96
C MET A 194 2.73 9.38 3.91
N LYS A 195 3.41 10.54 3.81
CA LYS A 195 4.46 10.85 4.78
C LYS A 195 3.91 10.92 6.20
N ARG A 196 2.68 11.40 6.31
CA ARG A 196 2.07 11.66 7.62
C ARG A 196 1.11 10.54 8.04
N ASN A 197 1.28 9.36 7.46
CA ASN A 197 0.53 8.19 7.87
C ASN A 197 0.67 7.95 9.38
N THR A 198 -0.40 7.52 10.05
CA THR A 198 -0.34 7.19 11.48
C THR A 198 -0.12 5.71 11.77
N THR A 199 -0.21 4.84 10.75
CA THR A 199 -0.31 3.40 11.01
C THR A 199 0.95 2.59 10.75
N GLY A 200 2.03 3.20 10.29
CA GLY A 200 3.17 2.48 9.79
C GLY A 200 4.44 2.54 10.60
N ASP A 201 4.42 3.08 11.81
CA ASP A 201 5.69 3.30 12.51
C ASP A 201 6.46 2.02 12.84
N ALA A 202 5.77 0.89 12.98
CA ALA A 202 6.41 -0.36 13.36
C ALA A 202 6.88 -1.18 12.18
N LEU A 203 6.67 -0.68 10.94
CA LEU A 203 6.91 -1.47 9.75
CA LEU A 203 6.91 -1.49 9.74
C LEU A 203 8.14 -0.94 9.01
N ILE A 204 8.01 -0.51 7.75
CA ILE A 204 9.20 -0.05 7.02
C ILE A 204 9.93 1.06 7.80
N ARG A 205 9.18 2.01 8.37
CA ARG A 205 9.80 3.11 9.12
C ARG A 205 10.74 2.60 10.22
N ALA A 206 10.40 1.48 10.85
CA ALA A 206 11.21 0.94 11.93
C ALA A 206 12.46 0.22 11.45
N GLY A 207 12.56 -0.08 10.17
CA GLY A 207 13.70 -0.80 9.61
C GLY A 207 14.69 0.00 8.81
N VAL A 208 14.38 1.27 8.52
CA VAL A 208 15.25 2.12 7.72
C VAL A 208 15.83 3.21 8.64
N PRO A 209 16.89 3.86 8.20
CA PRO A 209 17.49 4.88 9.06
C PRO A 209 16.51 6.00 9.43
N LYS A 210 16.60 6.49 10.68
CA LYS A 210 15.68 7.53 11.16
C LYS A 210 15.84 8.85 10.42
N SER A 211 16.99 9.06 9.78
CA SER A 211 17.19 10.26 8.97
C SER A 211 16.41 10.27 7.65
N TRP A 212 15.92 9.11 7.21
CA TRP A 212 15.20 9.02 5.93
C TRP A 212 13.76 9.48 6.07
N GLU A 213 13.26 10.17 5.06
CA GLU A 213 11.84 10.45 4.98
C GLU A 213 11.14 9.25 4.37
N VAL A 214 9.94 8.95 4.87
CA VAL A 214 9.19 7.78 4.43
C VAL A 214 7.75 8.18 4.18
N ALA A 215 7.25 7.79 3.01
CA ALA A 215 5.83 7.84 2.65
C ALA A 215 5.37 6.40 2.53
N ASP A 216 4.42 5.95 3.36
CA ASP A 216 4.05 4.54 3.32
C ASP A 216 2.54 4.35 3.42
N LYS A 217 2.09 3.17 3.00
CA LYS A 217 0.74 2.71 3.27
C LYS A 217 0.80 1.24 3.67
N THR A 218 0.23 0.94 4.83
CA THR A 218 0.17 -0.39 5.40
C THR A 218 -1.05 -1.18 4.90
N GLY A 219 -0.98 -2.50 5.08
CA GLY A 219 -2.12 -3.36 4.93
C GLY A 219 -2.10 -4.50 5.93
N ALA A 220 -3.28 -5.04 6.18
CA ALA A 220 -3.49 -6.14 7.09
C ALA A 220 -4.71 -6.93 6.60
N GLY A 221 -4.60 -8.23 6.54
CA GLY A 221 -5.72 -9.04 6.06
C GLY A 221 -5.65 -10.45 6.57
N SER A 222 -6.52 -11.30 6.00
CA SER A 222 -6.57 -12.69 6.41
CA SER A 222 -6.59 -12.70 6.40
C SER A 222 -5.28 -13.42 6.06
N TYR A 223 -5.10 -14.61 6.63
CA TYR A 223 -3.84 -15.35 6.50
C TYR A 223 -2.67 -14.51 7.01
N ALA A 224 -2.92 -13.72 8.06
CA ALA A 224 -1.87 -12.86 8.64
C ALA A 224 -1.20 -12.04 7.55
N THR A 225 -1.98 -11.57 6.58
CA THR A 225 -1.41 -10.71 5.57
C THR A 225 -0.98 -9.42 6.23
N ARG A 226 0.27 -9.04 6.01
CA ARG A 226 0.82 -7.85 6.65
C ARG A 226 1.80 -7.22 5.65
N ASN A 227 1.42 -6.03 5.18
CA ASN A 227 2.08 -5.41 4.05
C ASN A 227 2.45 -3.97 4.37
N ASP A 228 3.45 -3.46 3.66
CA ASP A 228 3.74 -2.04 3.68
C ASP A 228 4.39 -1.70 2.34
N ILE A 229 3.91 -0.63 1.71
CA ILE A 229 4.53 -0.12 0.49
C ILE A 229 4.95 1.31 0.75
N ALA A 230 6.09 1.70 0.21
CA ALA A 230 6.69 2.98 0.59
C ALA A 230 7.57 3.56 -0.50
N ILE A 231 7.69 4.89 -0.41
CA ILE A 231 8.78 5.63 -1.04
C ILE A 231 9.66 6.15 0.09
N LEU A 232 10.97 6.04 -0.08
CA LEU A 232 11.97 6.42 0.91
C LEU A 232 12.88 7.47 0.29
N TRP A 233 13.19 8.51 1.06
CA TRP A 233 14.11 9.56 0.62
C TRP A 233 15.28 9.64 1.59
N PRO A 234 16.40 8.97 1.25
CA PRO A 234 17.64 9.16 2.03
C PRO A 234 18.13 10.60 1.89
N PRO A 235 18.71 11.20 2.95
CA PRO A 235 19.09 12.61 2.87
C PRO A 235 20.05 12.92 1.74
N ASN A 236 20.97 12.00 1.45
CA ASN A 236 21.95 12.29 0.40
C ASN A 236 21.92 11.29 -0.73
N GLY A 237 20.72 10.83 -1.06
CA GLY A 237 20.59 9.81 -2.06
C GLY A 237 19.35 9.92 -2.92
N ASP A 238 19.25 9.01 -3.85
CA ASP A 238 18.10 8.93 -4.72
C ASP A 238 16.93 8.23 -4.00
N PRO A 239 15.68 8.57 -4.35
CA PRO A 239 14.53 7.88 -3.74
C PRO A 239 14.57 6.39 -4.02
N ILE A 240 14.04 5.64 -3.06
CA ILE A 240 13.94 4.20 -3.14
C ILE A 240 12.47 3.82 -3.04
N VAL A 241 12.04 2.89 -3.88
CA VAL A 241 10.71 2.32 -3.78
C VAL A 241 10.84 0.98 -3.07
N LEU A 242 9.94 0.70 -2.13
CA LEU A 242 10.04 -0.55 -1.35
C LEU A 242 8.63 -1.09 -1.12
N ALA A 243 8.40 -2.33 -1.55
CA ALA A 243 7.16 -3.03 -1.27
C ALA A 243 7.50 -4.32 -0.54
N ILE A 244 6.86 -4.53 0.61
CA ILE A 244 7.05 -5.73 1.40
C ILE A 244 5.67 -6.28 1.74
N LEU A 245 5.43 -7.51 1.29
CA LEU A 245 4.16 -8.19 1.51
C LEU A 245 4.44 -9.47 2.29
N SER A 246 3.47 -9.95 3.04
CA SER A 246 3.69 -11.19 3.80
C SER A 246 2.37 -11.87 4.09
N ASN A 247 2.44 -13.17 4.39
CA ASN A 247 1.31 -13.92 4.87
C ASN A 247 1.83 -15.17 5.60
N ARG A 248 0.90 -15.92 6.19
CA ARG A 248 1.18 -17.12 6.96
C ARG A 248 0.15 -18.20 6.59
N THR A 249 0.39 -19.42 7.08
CA THR A 249 -0.44 -20.56 6.69
C THR A 249 -1.90 -20.44 7.09
N GLU A 250 -2.17 -20.12 8.35
CA GLU A 250 -3.54 -20.20 8.84
C GLU A 250 -4.33 -18.93 8.56
N LYS A 251 -5.59 -19.10 8.17
CA LYS A 251 -6.47 -17.99 7.86
CA LYS A 251 -6.46 -17.98 7.87
C LYS A 251 -6.54 -16.98 9.02
N ASP A 252 -6.57 -17.51 10.25
CA ASP A 252 -6.72 -16.69 11.44
CA ASP A 252 -6.72 -16.65 11.42
C ASP A 252 -5.41 -16.39 12.16
N ALA A 253 -4.28 -16.63 11.51
CA ALA A 253 -3.00 -16.34 12.13
C ALA A 253 -2.82 -14.86 12.37
N GLU A 254 -1.91 -14.52 13.29
CA GLU A 254 -1.61 -13.14 13.62
C GLU A 254 -0.24 -12.75 13.09
N TYR A 255 -0.17 -11.57 12.47
CA TYR A 255 1.09 -11.09 11.93
C TYR A 255 1.96 -10.46 13.02
N ASN A 256 3.23 -10.29 12.68
CA ASN A 256 4.23 -9.67 13.53
C ASN A 256 4.88 -8.53 12.76
N ASP A 257 4.66 -7.31 13.19
CA ASP A 257 5.18 -6.13 12.50
C ASP A 257 6.70 -6.19 12.36
N LYS A 258 7.37 -6.84 13.31
CA LYS A 258 8.83 -6.89 13.28
C LYS A 258 9.36 -7.61 12.05
N LEU A 259 8.59 -8.54 11.48
CA LEU A 259 8.98 -9.18 10.21
C LEU A 259 9.20 -8.13 9.12
N ILE A 260 8.27 -7.18 9.04
CA ILE A 260 8.33 -6.19 7.96
C ILE A 260 9.48 -5.22 8.23
N ALA A 261 9.65 -4.78 9.48
CA ALA A 261 10.79 -3.93 9.83
C ALA A 261 12.10 -4.62 9.48
N GLU A 262 12.26 -5.88 9.84
CA GLU A 262 13.53 -6.58 9.58
CA GLU A 262 13.52 -6.59 9.55
C GLU A 262 13.71 -6.80 8.06
N ALA A 263 12.64 -7.07 7.34
CA ALA A 263 12.77 -7.24 5.90
C ALA A 263 13.17 -5.92 5.24
N ALA A 264 12.67 -4.80 5.73
CA ALA A 264 13.05 -3.50 5.21
C ALA A 264 14.54 -3.24 5.46
N LYS A 265 14.98 -3.55 6.68
CA LYS A 265 16.38 -3.39 7.04
CA LYS A 265 16.38 -3.41 7.05
C LYS A 265 17.28 -4.23 6.10
N GLN A 266 16.86 -5.45 5.79
CA GLN A 266 17.63 -6.29 4.88
C GLN A 266 17.61 -5.74 3.46
N ALA A 267 16.46 -5.26 3.00
CA ALA A 267 16.39 -4.71 1.66
C ALA A 267 17.35 -3.54 1.48
N VAL A 268 17.39 -2.66 2.46
CA VAL A 268 18.35 -1.53 2.45
C VAL A 268 19.78 -2.04 2.44
N LYS A 269 20.07 -3.03 3.28
CA LYS A 269 21.42 -3.60 3.39
C LYS A 269 21.88 -4.21 2.05
N THR A 270 20.99 -4.91 1.38
CA THR A 270 21.35 -5.54 0.12
C THR A 270 21.50 -4.48 -0.99
N LEU A 271 20.60 -3.50 -1.03
CA LEU A 271 20.72 -2.45 -2.03
C LEU A 271 22.06 -1.73 -1.93
N LYS A 272 22.56 -1.53 -0.70
CA LYS A 272 23.84 -0.86 -0.44
C LYS A 272 24.97 -1.53 -1.19
N ILE A 273 24.95 -2.85 -1.28
CA ILE A 273 26.09 -3.60 -1.82
C ILE A 273 26.51 -3.15 -3.21
N THR A 274 25.50 -2.91 -4.05
CA THR A 274 25.75 -2.67 -5.46
C THR A 274 25.59 -1.21 -5.83
N ARG A 275 25.39 -0.34 -4.85
CA ARG A 275 25.36 1.07 -5.12
C ARG A 275 26.78 1.62 -5.10
S SO4 B . -3.90 -1.20 7.98
O1 SO4 B . -5.09 -1.47 7.14
O2 SO4 B . -4.31 -1.14 9.43
O3 SO4 B . -2.87 -2.10 7.88
O4 SO4 B . -3.41 0.13 7.66
#